data_7P8H
#
_entry.id   7P8H
#
_cell.length_a   39.104
_cell.length_b   70.554
_cell.length_c   87.710
_cell.angle_alpha   90.000
_cell.angle_beta   90.000
_cell.angle_gamma   90.000
#
_symmetry.space_group_name_H-M   'P 2 21 21'
#
loop_
_entity.id
_entity.type
_entity.pdbx_description
1 polymer Galectin
2 branched alpha-L-fucopyranose-(1-2)-[alpha-D-galactopyranose-(1-3)]beta-D-galactopyranose-(1-3)-2-acetamido-2-deoxy-beta-D-glucopyranose
3 water water
#
_entity_poly.entity_id   1
_entity_poly.type   'polypeptide(L)'
_entity_poly.pdbx_seq_one_letter_code
;MALRFEALYPEGMCPGWSVVVKGKTSSNTSMFEINFLSHPGDQIAFHFNPRFASSRIVCNSFLANHWGKEEVNKTFPFEA
KEPFQVEIYSDQDYFHIFIDENKILQYKHRQKQLSSITKLQILNDIEISSVEITKRGLY
;
_entity_poly.pdbx_strand_id   A,C
#
# COMPACT_ATOMS: atom_id res chain seq x y z
N ALA A 2 -6.28 -11.08 13.17
CA ALA A 2 -5.65 -11.49 11.91
C ALA A 2 -5.26 -10.26 11.12
N LEU A 3 -4.00 -10.24 10.71
CA LEU A 3 -3.47 -9.16 9.90
C LEU A 3 -3.93 -9.36 8.47
N ARG A 4 -4.65 -8.39 7.92
CA ARG A 4 -5.10 -8.44 6.54
CA ARG A 4 -5.10 -8.43 6.55
C ARG A 4 -4.20 -7.68 5.59
N PHE A 5 -3.57 -6.60 6.05
CA PHE A 5 -2.73 -5.77 5.19
C PHE A 5 -1.84 -4.93 6.08
N GLU A 6 -0.60 -4.77 5.66
CA GLU A 6 0.32 -3.85 6.31
C GLU A 6 1.07 -3.09 5.23
N ALA A 7 1.34 -1.81 5.47
CA ALA A 7 2.22 -1.03 4.63
C ALA A 7 3.22 -0.28 5.51
N LEU A 8 4.44 -0.18 5.01
CA LEU A 8 5.53 0.53 5.66
C LEU A 8 6.09 1.54 4.67
N TYR A 9 6.20 2.79 5.12
CA TYR A 9 6.77 3.89 4.34
C TYR A 9 7.75 4.58 5.27
N PRO A 10 9.02 4.17 5.25
CA PRO A 10 9.94 4.59 6.32
C PRO A 10 10.17 6.08 6.44
N GLU A 11 9.95 6.88 5.40
CA GLU A 11 10.14 8.31 5.51
C GLU A 11 9.01 9.01 6.24
N GLY A 12 7.91 8.30 6.53
CA GLY A 12 6.81 8.87 7.29
C GLY A 12 5.64 9.23 6.39
N MET A 13 4.45 8.76 6.72
CA MET A 13 3.30 9.10 5.89
CA MET A 13 3.24 8.97 5.95
C MET A 13 2.28 9.92 6.66
N CYS A 14 2.79 10.94 7.35
CA CYS A 14 1.98 11.89 8.09
C CYS A 14 2.84 13.11 8.36
N PRO A 15 2.29 14.34 8.29
CA PRO A 15 0.95 14.70 7.85
C PRO A 15 0.89 14.86 6.34
N GLY A 16 -0.31 15.08 5.80
N GLY A 16 -0.33 15.03 5.84
CA GLY A 16 -0.46 15.37 4.39
CA GLY A 16 -0.57 15.40 4.47
C GLY A 16 -0.53 14.16 3.49
C GLY A 16 -1.06 14.27 3.58
N TRP A 17 -0.95 13.02 4.03
CA TRP A 17 -1.21 11.83 3.23
C TRP A 17 -2.65 11.37 3.40
N SER A 18 -3.15 10.73 2.35
CA SER A 18 -4.44 10.06 2.35
CA SER A 18 -4.44 10.06 2.35
C SER A 18 -4.23 8.56 2.26
N VAL A 19 -4.99 7.82 3.05
CA VAL A 19 -5.10 6.37 2.95
C VAL A 19 -6.56 6.06 2.64
N VAL A 20 -6.80 5.39 1.51
CA VAL A 20 -8.14 5.01 1.10
C VAL A 20 -8.22 3.50 1.14
N VAL A 21 -9.14 2.97 1.92
CA VAL A 21 -9.35 1.53 2.07
C VAL A 21 -10.76 1.22 1.56
N LYS A 22 -10.83 0.31 0.60
CA LYS A 22 -12.10 -0.18 0.10
C LYS A 22 -12.22 -1.65 0.45
N GLY A 23 -13.39 -2.06 0.87
CA GLY A 23 -13.61 -3.45 1.20
C GLY A 23 -15.00 -3.66 1.75
N LYS A 24 -15.22 -4.83 2.34
CA LYS A 24 -16.48 -5.12 2.98
C LYS A 24 -16.22 -6.14 4.09
N THR A 25 -17.14 -6.18 5.06
CA THR A 25 -17.04 -7.18 6.10
C THR A 25 -17.60 -8.50 5.64
N SER A 26 -17.15 -9.57 6.29
CA SER A 26 -17.70 -10.88 6.06
C SER A 26 -18.82 -11.22 7.02
N SER A 27 -18.72 -10.75 8.26
CA SER A 27 -19.68 -11.03 9.31
C SER A 27 -20.63 -9.87 9.49
N ASN A 28 -21.79 -10.18 10.05
CA ASN A 28 -22.72 -9.13 10.41
C ASN A 28 -22.36 -8.45 11.72
N THR A 29 -21.55 -9.10 12.56
CA THR A 29 -21.40 -8.64 13.93
C THR A 29 -19.98 -8.86 14.44
N SER A 30 -18.99 -8.71 13.58
CA SER A 30 -17.62 -8.64 14.04
C SER A 30 -17.14 -7.20 13.96
N MET A 31 -15.85 -7.02 13.71
CA MET A 31 -15.25 -5.69 13.73
C MET A 31 -13.96 -5.76 12.95
N PHE A 32 -13.49 -4.60 12.53
CA PHE A 32 -12.15 -4.50 11.95
C PHE A 32 -11.48 -3.27 12.51
N GLU A 33 -10.18 -3.15 12.24
CA GLU A 33 -9.47 -1.95 12.66
C GLU A 33 -8.43 -1.56 11.64
N ILE A 34 -8.24 -0.25 11.52
CA ILE A 34 -7.16 0.38 10.75
C ILE A 34 -6.32 1.16 11.75
N ASN A 35 -5.04 0.81 11.85
CA ASN A 35 -4.13 1.41 12.80
C ASN A 35 -2.98 2.09 12.07
N PHE A 36 -2.65 3.28 12.54
CA PHE A 36 -1.47 4.03 12.14
C PHE A 36 -0.47 3.94 13.29
N LEU A 37 0.70 3.37 13.01
CA LEU A 37 1.69 3.08 14.03
C LEU A 37 2.90 3.97 13.88
N SER A 38 3.46 4.39 15.00
CA SER A 38 4.65 5.23 15.01
C SER A 38 5.86 4.42 15.43
N HIS A 39 7.00 4.81 14.86
CA HIS A 39 8.30 4.23 15.09
C HIS A 39 9.20 5.21 15.81
N PRO A 40 10.06 4.74 16.72
CA PRO A 40 10.17 3.37 17.20
C PRO A 40 9.05 3.11 18.20
N GLY A 41 8.80 1.83 18.47
CA GLY A 41 7.90 1.43 19.52
C GLY A 41 6.62 0.79 19.02
N ASP A 42 6.28 0.98 17.75
CA ASP A 42 5.01 0.50 17.21
C ASP A 42 3.84 0.93 18.09
N GLN A 43 3.91 2.15 18.60
CA GLN A 43 2.78 2.73 19.32
C GLN A 43 1.67 3.00 18.32
N ILE A 44 0.42 2.98 18.77
CA ILE A 44 -0.70 3.19 17.85
C ILE A 44 -1.11 4.65 17.94
N ALA A 45 -0.65 5.45 16.98
CA ALA A 45 -1.02 6.85 16.94
C ALA A 45 -2.51 7.04 16.71
N PHE A 46 -3.11 6.19 15.88
CA PHE A 46 -4.53 6.31 15.59
C PHE A 46 -5.08 4.92 15.32
N HIS A 47 -6.08 4.54 16.09
CA HIS A 47 -6.80 3.27 16.02
C HIS A 47 -8.23 3.62 15.62
N PHE A 48 -8.66 3.10 14.47
CA PHE A 48 -9.98 3.33 13.90
C PHE A 48 -10.66 1.97 13.88
N ASN A 49 -11.69 1.79 14.71
CA ASN A 49 -12.22 0.45 15.00
C ASN A 49 -13.75 0.42 14.86
N PRO A 50 -14.27 0.17 13.65
CA PRO A 50 -15.71 -0.01 13.50
C PRO A 50 -16.15 -1.35 14.07
N ARG A 51 -17.14 -1.29 14.97
CA ARG A 51 -17.64 -2.44 15.71
C ARG A 51 -19.06 -2.68 15.26
N PHE A 52 -19.27 -3.74 14.46
CA PHE A 52 -20.56 -3.98 13.84
C PHE A 52 -21.61 -4.54 14.78
N ALA A 53 -21.19 -5.19 15.87
CA ALA A 53 -22.19 -5.70 16.80
C ALA A 53 -22.91 -4.56 17.49
N SER A 54 -22.23 -3.46 17.74
CA SER A 54 -22.79 -2.33 18.46
C SER A 54 -23.01 -1.10 17.60
N SER A 55 -22.59 -1.11 16.33
CA SER A 55 -22.73 0.03 15.43
C SER A 55 -22.06 1.28 15.99
N ARG A 56 -20.84 1.09 16.46
CA ARG A 56 -20.03 2.17 17.00
C ARG A 56 -18.66 2.17 16.34
N ILE A 57 -18.16 3.35 15.98
CA ILE A 57 -16.78 3.50 15.54
C ILE A 57 -15.98 3.99 16.75
N VAL A 58 -15.07 3.17 17.24
CA VAL A 58 -14.23 3.53 18.37
C VAL A 58 -12.89 4.01 17.83
N CYS A 59 -12.50 5.22 18.22
CA CYS A 59 -11.19 5.74 17.90
C CYS A 59 -10.41 5.99 19.18
N ASN A 60 -9.11 5.71 19.14
CA ASN A 60 -8.26 5.88 20.32
C ASN A 60 -6.80 5.84 19.86
N SER A 61 -5.90 5.97 20.82
CA SER A 61 -4.46 5.85 20.63
C SER A 61 -3.90 4.97 21.74
N PHE A 62 -2.86 4.22 21.41
CA PHE A 62 -2.18 3.35 22.36
C PHE A 62 -0.75 3.86 22.47
N LEU A 63 -0.49 4.62 23.54
CA LEU A 63 0.77 5.32 23.75
C LEU A 63 1.28 4.97 25.14
N ALA A 64 2.59 4.79 25.27
CA ALA A 64 3.19 4.45 26.58
C ALA A 64 2.44 3.29 27.24
N ASN A 65 2.10 2.28 26.44
CA ASN A 65 1.56 1.02 26.93
C ASN A 65 0.15 1.15 27.48
N HIS A 66 -0.60 2.20 27.12
CA HIS A 66 -1.99 2.34 27.56
C HIS A 66 -2.88 2.90 26.46
N TRP A 67 -4.11 2.41 26.41
CA TRP A 67 -5.15 3.08 25.64
C TRP A 67 -5.56 4.37 26.35
N GLY A 68 -5.78 5.42 25.58
CA GLY A 68 -6.28 6.67 26.09
C GLY A 68 -7.79 6.70 26.16
N LYS A 69 -8.34 7.90 26.11
CA LYS A 69 -9.79 8.08 26.16
C LYS A 69 -10.41 7.72 24.82
N GLU A 70 -11.48 6.92 24.83
CA GLU A 70 -12.15 6.61 23.59
C GLU A 70 -12.90 7.83 23.06
N GLU A 71 -12.85 8.01 21.75
CA GLU A 71 -13.69 8.98 21.05
C GLU A 71 -14.59 8.14 20.16
N VAL A 72 -15.87 8.09 20.47
CA VAL A 72 -16.78 7.18 19.79
C VAL A 72 -17.74 7.96 18.91
N ASN A 73 -17.90 7.49 17.67
CA ASN A 73 -18.87 8.06 16.75
C ASN A 73 -19.97 7.04 16.46
N LYS A 74 -21.21 7.50 16.55
CA LYS A 74 -22.36 6.65 16.28
C LYS A 74 -22.91 6.84 14.88
N THR A 75 -22.32 7.72 14.07
CA THR A 75 -22.82 7.87 12.71
C THR A 75 -22.83 6.54 11.99
N PHE A 76 -21.87 5.69 12.30
CA PHE A 76 -21.69 4.33 11.78
C PHE A 76 -22.25 4.18 10.39
N PRO A 77 -21.70 4.86 9.41
CA PRO A 77 -22.23 4.75 8.06
C PRO A 77 -21.75 3.52 7.33
N PHE A 78 -21.76 2.37 8.02
CA PHE A 78 -21.42 1.08 7.45
C PHE A 78 -22.62 0.16 7.54
N GLU A 79 -22.67 -0.80 6.62
CA GLU A 79 -23.59 -1.91 6.71
C GLU A 79 -22.77 -3.18 6.54
N ALA A 80 -23.00 -4.14 7.42
CA ALA A 80 -22.38 -5.44 7.30
C ALA A 80 -22.52 -5.99 5.89
N LYS A 81 -21.41 -6.51 5.35
CA LYS A 81 -21.35 -7.21 4.06
C LYS A 81 -21.51 -6.30 2.85
N GLU A 82 -21.52 -4.99 3.02
CA GLU A 82 -21.71 -4.07 1.90
C GLU A 82 -20.42 -3.30 1.62
N PRO A 83 -19.98 -3.17 0.36
CA PRO A 83 -18.74 -2.44 0.08
C PRO A 83 -18.78 -1.02 0.66
N PHE A 84 -17.64 -0.62 1.24
CA PHE A 84 -17.45 0.71 1.76
C PHE A 84 -16.12 1.27 1.28
N GLN A 85 -15.99 2.59 1.41
CA GLN A 85 -14.73 3.28 1.19
C GLN A 85 -14.45 4.14 2.41
N VAL A 86 -13.31 3.90 3.04
CA VAL A 86 -12.85 4.69 4.18
C VAL A 86 -11.62 5.45 3.72
N GLU A 87 -11.66 6.77 3.83
CA GLU A 87 -10.49 7.60 3.58
C GLU A 87 -10.07 8.27 4.88
N ILE A 88 -8.80 8.12 5.22
CA ILE A 88 -8.20 8.78 6.36
CA ILE A 88 -8.19 8.78 6.36
C ILE A 88 -7.15 9.74 5.82
N TYR A 89 -7.37 11.04 6.03
CA TYR A 89 -6.46 12.09 5.58
C TYR A 89 -5.94 12.83 6.78
N SER A 90 -4.62 12.99 6.88
CA SER A 90 -4.02 13.72 7.98
C SER A 90 -3.62 15.13 7.56
N ASP A 91 -3.90 16.09 8.42
CA ASP A 91 -3.24 17.38 8.36
C ASP A 91 -2.40 17.55 9.64
N GLN A 92 -1.96 18.78 9.90
CA GLN A 92 -1.09 19.04 11.04
C GLN A 92 -1.82 18.88 12.36
N ASP A 93 -3.15 18.85 12.35
CA ASP A 93 -3.95 18.90 13.56
C ASP A 93 -4.80 17.66 13.80
N TYR A 94 -5.27 17.00 12.74
CA TYR A 94 -6.22 15.91 12.86
C TYR A 94 -5.95 14.80 11.86
N PHE A 95 -6.47 13.62 12.19
CA PHE A 95 -6.89 12.65 11.19
C PHE A 95 -8.35 12.92 10.86
N HIS A 96 -8.64 13.09 9.58
CA HIS A 96 -9.99 13.32 9.09
C HIS A 96 -10.49 12.05 8.42
N ILE A 97 -11.71 11.63 8.77
CA ILE A 97 -12.27 10.36 8.30
C ILE A 97 -13.45 10.66 7.38
N PHE A 98 -13.42 10.10 6.17
CA PHE A 98 -14.50 10.19 5.20
C PHE A 98 -14.92 8.77 4.87
N ILE A 99 -16.22 8.49 4.94
CA ILE A 99 -16.75 7.17 4.60
C ILE A 99 -17.74 7.36 3.47
N ASP A 100 -17.50 6.64 2.36
CA ASP A 100 -18.32 6.78 1.16
C ASP A 100 -18.47 8.25 0.76
N GLU A 101 -17.36 9.00 0.87
CA GLU A 101 -17.27 10.39 0.44
C GLU A 101 -18.05 11.35 1.33
N ASN A 102 -18.36 10.96 2.56
CA ASN A 102 -18.99 11.83 3.55
C ASN A 102 -18.06 11.99 4.75
N LYS A 103 -17.83 13.23 5.18
CA LYS A 103 -16.99 13.48 6.35
C LYS A 103 -17.72 13.01 7.60
N ILE A 104 -17.09 12.15 8.38
CA ILE A 104 -17.71 11.52 9.53
C ILE A 104 -17.17 12.07 10.85
N LEU A 105 -15.86 12.18 10.97
CA LEU A 105 -15.26 12.59 12.23
C LEU A 105 -13.85 13.10 11.97
N GLN A 106 -13.34 13.84 12.93
CA GLN A 106 -11.93 14.18 12.97
C GLN A 106 -11.40 13.83 14.35
N TYR A 107 -10.13 13.48 14.40
CA TYR A 107 -9.49 12.99 15.61
C TYR A 107 -8.20 13.78 15.79
N LYS A 108 -8.11 14.55 16.87
CA LYS A 108 -6.92 15.35 17.12
C LYS A 108 -5.70 14.47 17.38
N HIS A 109 -4.57 14.84 16.80
CA HIS A 109 -3.34 14.11 17.03
C HIS A 109 -2.99 14.11 18.51
N ARG A 110 -2.69 12.93 19.04
CA ARG A 110 -2.15 12.75 20.37
C ARG A 110 -0.65 12.47 20.35
N GLN A 111 -0.23 11.60 19.43
CA GLN A 111 1.17 11.46 19.04
C GLN A 111 1.52 12.66 18.18
N LYS A 112 2.30 13.58 18.72
CA LYS A 112 2.61 14.82 18.00
C LYS A 112 3.75 14.65 17.02
N GLN A 113 4.50 13.56 17.10
CA GLN A 113 5.63 13.32 16.20
C GLN A 113 5.07 12.67 14.94
N LEU A 114 4.43 13.48 14.12
CA LEU A 114 3.67 12.96 12.99
C LEU A 114 4.56 12.20 12.01
N SER A 115 5.77 12.69 11.75
CA SER A 115 6.66 12.06 10.79
CA SER A 115 6.64 12.05 10.78
C SER A 115 7.12 10.68 11.23
N SER A 116 6.91 10.32 12.49
CA SER A 116 7.25 8.98 12.96
CA SER A 116 7.25 8.98 12.96
C SER A 116 6.21 7.93 12.58
N ILE A 117 5.07 8.35 12.02
CA ILE A 117 4.01 7.42 11.64
C ILE A 117 4.38 6.85 10.28
N THR A 118 4.97 5.66 10.30
CA THR A 118 5.50 5.02 9.10
C THR A 118 4.75 3.75 8.71
N LYS A 119 3.79 3.30 9.50
CA LYS A 119 3.24 1.98 9.34
C LYS A 119 1.72 2.01 9.46
N LEU A 120 1.08 1.28 8.55
CA LEU A 120 -0.36 1.12 8.49
C LEU A 120 -0.65 -0.37 8.65
N GLN A 121 -1.60 -0.72 9.52
CA GLN A 121 -2.05 -2.10 9.66
C GLN A 121 -3.56 -2.15 9.61
N ILE A 122 -4.09 -3.15 8.91
CA ILE A 122 -5.53 -3.37 8.78
C ILE A 122 -5.76 -4.80 9.27
N LEU A 123 -6.61 -4.95 10.29
CA LEU A 123 -6.81 -6.22 10.95
CA LEU A 123 -6.81 -6.22 10.96
C LEU A 123 -8.28 -6.60 11.04
N ASN A 124 -8.49 -7.91 11.10
CA ASN A 124 -9.76 -8.54 11.48
C ASN A 124 -10.77 -8.56 10.34
N ASP A 125 -12.06 -8.31 10.60
CA ASP A 125 -13.09 -8.69 9.64
C ASP A 125 -13.28 -7.63 8.56
N ILE A 126 -12.38 -7.67 7.58
CA ILE A 126 -12.48 -6.83 6.40
C ILE A 126 -11.87 -7.61 5.25
N GLU A 127 -12.65 -7.77 4.19
CA GLU A 127 -12.19 -8.31 2.92
C GLU A 127 -11.79 -7.12 2.06
N ILE A 128 -10.50 -6.91 1.89
CA ILE A 128 -9.99 -5.73 1.24
C ILE A 128 -10.10 -5.87 -0.27
N SER A 129 -10.60 -4.83 -0.94
CA SER A 129 -10.50 -4.75 -2.39
C SER A 129 -9.49 -3.72 -2.87
N SER A 130 -9.16 -2.71 -2.06
CA SER A 130 -8.13 -1.76 -2.46
C SER A 130 -7.58 -1.03 -1.27
N VAL A 131 -6.27 -0.75 -1.31
CA VAL A 131 -5.64 0.21 -0.42
C VAL A 131 -4.83 1.17 -1.28
N GLU A 132 -5.07 2.47 -1.12
CA GLU A 132 -4.33 3.49 -1.84
C GLU A 132 -3.76 4.48 -0.85
N ILE A 133 -2.47 4.72 -0.96
CA ILE A 133 -1.74 5.59 -0.06
C ILE A 133 -1.12 6.69 -0.92
N THR A 134 -1.49 7.94 -0.66
CA THR A 134 -1.19 9.06 -1.56
C THR A 134 -0.69 10.26 -0.78
N LYS A 135 0.42 10.80 -1.24
CA LYS A 135 0.98 12.02 -0.69
C LYS A 135 0.28 13.23 -1.29
N ARG A 136 0.22 14.31 -0.53
CA ARG A 136 -0.66 15.39 -0.93
C ARG A 136 -2.05 14.77 -1.12
N GLY A 137 -2.58 14.35 0.02
CA GLY A 137 -3.80 13.59 0.05
C GLY A 137 -5.03 14.33 -0.39
N LEU A 138 -4.88 15.62 -0.72
CA LEU A 138 -5.96 16.39 -1.31
C LEU A 138 -6.18 16.06 -2.78
N TYR A 139 -5.27 15.32 -3.40
CA TYR A 139 -5.31 15.08 -4.85
C TYR A 139 -5.00 13.62 -5.19
N ALA B 2 17.92 1.25 -0.48
CA ALA B 2 17.05 1.67 0.60
C ALA B 2 15.61 1.31 0.30
N LEU B 3 14.93 0.80 1.32
CA LEU B 3 13.52 0.46 1.19
C LEU B 3 12.71 1.75 1.23
N ARG B 4 11.89 1.97 0.21
N ARG B 4 11.90 1.97 0.19
CA ARG B 4 11.01 3.12 0.16
CA ARG B 4 11.00 3.11 0.16
C ARG B 4 9.57 2.80 0.52
C ARG B 4 9.60 2.76 0.63
N PHE B 5 9.12 1.57 0.28
CA PHE B 5 7.75 1.18 0.57
C PHE B 5 7.69 -0.35 0.59
N GLU B 6 6.94 -0.89 1.54
CA GLU B 6 6.66 -2.31 1.55
C GLU B 6 5.19 -2.50 1.89
N ALA B 7 4.57 -3.50 1.26
CA ALA B 7 3.22 -3.89 1.63
C ALA B 7 3.15 -5.40 1.73
N LEU B 8 2.33 -5.85 2.66
CA LEU B 8 2.08 -7.26 2.92
C LEU B 8 0.59 -7.49 2.88
N TYR B 9 0.17 -8.50 2.12
CA TYR B 9 -1.22 -8.94 2.02
C TYR B 9 -1.16 -10.45 2.19
N PRO B 10 -1.30 -10.96 3.43
CA PRO B 10 -0.99 -12.38 3.69
C PRO B 10 -1.83 -13.38 2.94
N GLU B 11 -3.01 -13.02 2.45
CA GLU B 11 -3.82 -13.96 1.70
C GLU B 11 -3.37 -14.13 0.26
N GLY B 12 -2.39 -13.35 -0.19
CA GLY B 12 -1.82 -13.51 -1.52
C GLY B 12 -2.39 -12.50 -2.49
N MET B 13 -1.52 -11.63 -3.02
CA MET B 13 -1.98 -10.58 -3.92
CA MET B 13 -1.91 -10.54 -3.92
C MET B 13 -1.61 -10.89 -5.36
N CYS B 14 -1.88 -12.13 -5.77
CA CYS B 14 -1.62 -12.61 -7.12
C CYS B 14 -2.39 -13.90 -7.32
N PRO B 15 -2.96 -14.15 -8.51
CA PRO B 15 -3.14 -13.24 -9.63
C PRO B 15 -4.32 -12.32 -9.35
N GLY B 16 -4.63 -11.45 -10.30
CA GLY B 16 -5.85 -10.67 -10.20
C GLY B 16 -5.74 -9.39 -9.41
N TRP B 17 -4.52 -8.91 -9.17
CA TRP B 17 -4.28 -7.68 -8.45
C TRP B 17 -3.44 -6.74 -9.29
N SER B 18 -3.69 -5.45 -9.10
CA SER B 18 -2.90 -4.39 -9.69
CA SER B 18 -2.91 -4.38 -9.69
C SER B 18 -2.16 -3.63 -8.60
N VAL B 19 -0.90 -3.30 -8.87
CA VAL B 19 -0.11 -2.38 -8.08
C VAL B 19 0.16 -1.18 -8.98
N VAL B 20 -0.26 -0.01 -8.56
CA VAL B 20 -0.06 1.23 -9.32
C VAL B 20 0.84 2.13 -8.49
N VAL B 21 1.99 2.49 -9.04
CA VAL B 21 2.99 3.30 -8.35
C VAL B 21 3.17 4.57 -9.16
N LYS B 22 2.99 5.70 -8.51
CA LYS B 22 3.29 6.99 -9.10
C LYS B 22 4.47 7.60 -8.37
N GLY B 23 5.37 8.21 -9.13
CA GLY B 23 6.51 8.88 -8.53
C GLY B 23 7.46 9.35 -9.62
N LYS B 24 8.66 9.70 -9.19
CA LYS B 24 9.71 10.14 -10.11
C LYS B 24 11.06 9.83 -9.47
N THR B 25 12.08 9.73 -10.30
CA THR B 25 13.42 9.56 -9.76
C THR B 25 13.95 10.89 -9.23
N SER B 26 14.92 10.78 -8.32
CA SER B 26 15.67 11.95 -7.87
CA SER B 26 15.67 11.94 -7.86
C SER B 26 16.92 12.19 -8.69
N SER B 27 17.50 11.14 -9.25
CA SER B 27 18.75 11.22 -9.99
C SER B 27 18.52 10.94 -11.46
N ASN B 28 19.49 11.35 -12.26
CA ASN B 28 19.49 11.04 -13.69
C ASN B 28 20.07 9.68 -14.03
N THR B 29 20.84 9.06 -13.13
CA THR B 29 21.66 7.91 -13.51
C THR B 29 21.64 6.80 -12.48
N SER B 30 20.64 6.76 -11.62
CA SER B 30 20.50 5.66 -10.67
C SER B 30 19.45 4.69 -11.17
N MET B 31 18.77 3.99 -10.26
CA MET B 31 17.81 2.95 -10.63
C MET B 31 16.88 2.74 -9.45
N PHE B 32 15.74 2.12 -9.72
CA PHE B 32 14.84 1.68 -8.67
C PHE B 32 14.35 0.29 -9.00
N GLU B 33 13.74 -0.36 -8.04
CA GLU B 33 13.14 -1.66 -8.31
C GLU B 33 11.82 -1.81 -7.58
N ILE B 34 10.92 -2.54 -8.21
CA ILE B 34 9.68 -3.01 -7.63
C ILE B 34 9.74 -4.53 -7.65
N ASN B 35 9.67 -5.14 -6.47
CA ASN B 35 9.78 -6.58 -6.30
C ASN B 35 8.50 -7.15 -5.71
N PHE B 36 8.08 -8.28 -6.27
CA PHE B 36 7.01 -9.11 -5.72
C PHE B 36 7.65 -10.34 -5.12
N LEU B 37 7.43 -10.56 -3.83
CA LEU B 37 8.10 -11.61 -3.08
C LEU B 37 7.12 -12.70 -2.67
N SER B 38 7.58 -13.93 -2.71
CA SER B 38 6.75 -15.06 -2.34
C SER B 38 7.20 -15.60 -0.99
N HIS B 39 6.22 -16.12 -0.28
CA HIS B 39 6.35 -16.69 1.05
C HIS B 39 6.06 -18.18 1.01
N PRO B 40 6.80 -19.02 1.75
CA PRO B 40 7.94 -18.64 2.58
C PRO B 40 9.18 -18.44 1.72
N GLY B 41 10.19 -17.79 2.29
CA GLY B 41 11.49 -17.69 1.67
C GLY B 41 11.84 -16.32 1.16
N ASP B 42 10.85 -15.45 0.96
CA ASP B 42 11.09 -14.12 0.39
C ASP B 42 11.83 -14.21 -0.94
N GLN B 43 11.51 -15.24 -1.72
CA GLN B 43 12.04 -15.33 -3.07
C GLN B 43 11.41 -14.22 -3.89
N ILE B 44 12.10 -13.75 -4.93
CA ILE B 44 11.60 -12.63 -5.72
C ILE B 44 10.94 -13.22 -6.97
N ALA B 45 9.62 -13.32 -6.92
CA ALA B 45 8.87 -13.83 -8.07
C ALA B 45 9.02 -12.90 -9.27
N PHE B 46 9.03 -11.60 -9.04
CA PHE B 46 9.14 -10.65 -10.14
C PHE B 46 9.91 -9.42 -9.65
N HIS B 47 10.98 -9.12 -10.35
CA HIS B 47 11.88 -7.99 -10.10
C HIS B 47 11.79 -7.10 -11.34
N PHE B 48 11.30 -5.88 -11.15
CA PHE B 48 11.13 -4.87 -12.20
C PHE B 48 12.10 -3.74 -11.88
N ASN B 49 13.13 -3.58 -12.71
CA ASN B 49 14.31 -2.76 -12.36
C ASN B 49 14.67 -1.80 -13.47
N PRO B 50 14.05 -0.61 -13.50
CA PRO B 50 14.46 0.42 -14.46
C PRO B 50 15.79 1.02 -14.07
N ARG B 51 16.73 1.01 -15.01
CA ARG B 51 18.09 1.49 -14.81
C ARG B 51 18.28 2.73 -15.67
N PHE B 52 18.40 3.89 -15.02
CA PHE B 52 18.43 5.16 -15.74
C PHE B 52 19.79 5.52 -16.34
N ALA B 53 20.88 4.97 -15.83
CA ALA B 53 22.16 5.27 -16.46
C ALA B 53 22.19 4.73 -17.88
N SER B 54 21.66 3.52 -18.07
CA SER B 54 21.69 2.79 -19.33
C SER B 54 20.38 2.85 -20.08
N SER B 55 19.33 3.38 -19.48
CA SER B 55 17.99 3.40 -20.07
C SER B 55 17.55 2.00 -20.47
N ARG B 56 17.60 1.08 -19.51
CA ARG B 56 17.15 -0.29 -19.70
C ARG B 56 16.26 -0.70 -18.54
N ILE B 57 15.14 -1.34 -18.85
CA ILE B 57 14.31 -2.00 -17.85
C ILE B 57 14.72 -3.45 -17.83
N VAL B 58 15.25 -3.90 -16.70
CA VAL B 58 15.62 -5.30 -16.50
C VAL B 58 14.55 -5.98 -15.63
N CYS B 59 14.03 -7.10 -16.11
CA CYS B 59 13.08 -7.94 -15.37
C CYS B 59 13.69 -9.32 -15.16
N ASN B 60 13.46 -9.89 -13.98
CA ASN B 60 14.01 -11.19 -13.65
C ASN B 60 13.27 -11.72 -12.42
N SER B 61 13.66 -12.94 -12.01
CA SER B 61 13.20 -13.57 -10.80
C SER B 61 14.40 -14.12 -10.06
N PHE B 62 14.31 -14.10 -8.73
CA PHE B 62 15.33 -14.64 -7.83
C PHE B 62 14.71 -15.83 -7.10
N LEU B 63 15.02 -17.03 -7.56
CA LEU B 63 14.41 -18.26 -7.08
C LEU B 63 15.51 -19.25 -6.75
N ALA B 64 15.36 -19.98 -5.64
CA ALA B 64 16.38 -20.93 -5.20
C ALA B 64 17.77 -20.31 -5.21
N ASN B 65 17.85 -19.08 -4.69
CA ASN B 65 19.11 -18.40 -4.42
C ASN B 65 19.87 -18.01 -5.68
N HIS B 66 19.19 -17.92 -6.83
CA HIS B 66 19.83 -17.49 -8.07
C HIS B 66 18.91 -16.57 -8.86
N TRP B 67 19.50 -15.57 -9.49
CA TRP B 67 18.82 -14.83 -10.55
C TRP B 67 18.72 -15.70 -11.81
N GLY B 68 17.59 -15.62 -12.50
CA GLY B 68 17.39 -16.31 -13.75
C GLY B 68 17.85 -15.49 -14.93
N LYS B 69 17.26 -15.78 -16.09
CA LYS B 69 17.60 -15.06 -17.31
C LYS B 69 16.95 -13.69 -17.32
N GLU B 70 17.73 -12.66 -17.61
CA GLU B 70 17.18 -11.31 -17.68
C GLU B 70 16.32 -11.15 -18.91
N GLU B 71 15.18 -10.49 -18.74
CA GLU B 71 14.32 -10.07 -19.85
C GLU B 71 14.39 -8.55 -19.89
N VAL B 72 14.97 -8.01 -20.95
CA VAL B 72 15.26 -6.58 -21.06
C VAL B 72 14.37 -5.98 -22.15
N ASN B 73 13.57 -4.99 -21.78
CA ASN B 73 12.62 -4.42 -22.71
C ASN B 73 13.33 -3.66 -23.82
N LYS B 74 12.73 -3.65 -25.02
CA LYS B 74 13.34 -2.96 -26.15
C LYS B 74 13.37 -1.45 -25.98
N THR B 75 12.42 -0.89 -25.23
CA THR B 75 12.31 0.55 -25.07
C THR B 75 12.38 0.93 -23.60
N PHE B 76 12.54 2.23 -23.36
CA PHE B 76 12.67 2.78 -22.02
C PHE B 76 11.71 3.98 -21.90
N PRO B 77 10.45 3.75 -21.55
CA PRO B 77 9.46 4.83 -21.62
CA PRO B 77 9.45 4.82 -21.61
C PRO B 77 9.48 5.79 -20.43
N PHE B 78 10.47 5.72 -19.57
CA PHE B 78 10.60 6.64 -18.47
C PHE B 78 11.51 7.80 -18.88
N GLU B 79 11.36 8.92 -18.17
CA GLU B 79 12.31 10.01 -18.22
CA GLU B 79 12.30 10.02 -18.22
C GLU B 79 12.77 10.32 -16.80
N ALA B 80 14.08 10.37 -16.61
CA ALA B 80 14.60 10.67 -15.28
C ALA B 80 14.02 11.98 -14.80
N LYS B 81 13.65 12.01 -13.52
CA LYS B 81 13.19 13.19 -12.80
C LYS B 81 11.85 13.70 -13.29
N GLU B 82 11.10 12.91 -14.07
CA GLU B 82 9.77 13.28 -14.50
C GLU B 82 8.76 12.28 -13.96
N PRO B 83 7.59 12.76 -13.51
CA PRO B 83 6.59 11.84 -12.96
C PRO B 83 6.18 10.77 -13.94
N PHE B 84 5.98 9.57 -13.41
CA PHE B 84 5.48 8.43 -14.15
C PHE B 84 4.42 7.73 -13.33
N GLN B 85 3.67 6.88 -14.01
CA GLN B 85 2.79 5.91 -13.37
C GLN B 85 3.18 4.55 -13.92
N VAL B 86 3.46 3.61 -13.02
CA VAL B 86 3.71 2.22 -13.40
C VAL B 86 2.61 1.38 -12.79
N GLU B 87 1.92 0.61 -13.62
CA GLU B 87 0.96 -0.37 -13.13
C GLU B 87 1.44 -1.75 -13.49
N ILE B 88 1.44 -2.64 -12.50
CA ILE B 88 1.76 -4.04 -12.67
C ILE B 88 0.51 -4.82 -12.30
N TYR B 89 -0.08 -5.50 -13.30
CA TYR B 89 -1.29 -6.29 -13.10
C TYR B 89 -0.97 -7.74 -13.42
N SER B 90 -1.41 -8.66 -12.55
CA SER B 90 -1.18 -10.09 -12.77
C SER B 90 -2.43 -10.81 -13.25
N ASP B 91 -2.26 -11.67 -14.26
CA ASP B 91 -3.26 -12.68 -14.59
C ASP B 91 -2.66 -14.06 -14.32
N GLN B 92 -3.33 -15.10 -14.82
CA GLN B 92 -2.88 -16.46 -14.55
C GLN B 92 -1.54 -16.77 -15.19
N ASP B 93 -1.11 -15.99 -16.18
CA ASP B 93 0.08 -16.33 -16.94
C ASP B 93 1.18 -15.28 -16.90
N TYR B 94 0.87 -14.00 -16.67
CA TYR B 94 1.88 -12.96 -16.74
C TYR B 94 1.69 -11.90 -15.67
N PHE B 95 2.77 -11.19 -15.41
CA PHE B 95 2.70 -9.82 -14.94
C PHE B 95 2.67 -8.90 -16.16
N HIS B 96 1.69 -8.01 -16.20
CA HIS B 96 1.53 -7.04 -17.28
C HIS B 96 1.90 -5.66 -16.76
N ILE B 97 2.82 -5.00 -17.47
CA ILE B 97 3.38 -3.73 -17.06
C ILE B 97 2.84 -2.64 -17.98
N PHE B 98 2.24 -1.61 -17.37
CA PHE B 98 1.80 -0.42 -18.08
C PHE B 98 2.57 0.76 -17.51
N ILE B 99 3.06 1.64 -18.38
CA ILE B 99 3.71 2.88 -17.96
C ILE B 99 2.93 4.03 -18.59
N ASP B 100 2.47 4.94 -17.76
CA ASP B 100 1.68 6.08 -18.22
C ASP B 100 0.50 5.61 -19.07
N GLU B 101 -0.11 4.52 -18.64
CA GLU B 101 -1.33 3.91 -19.20
C GLU B 101 -1.09 3.18 -20.51
N ASN B 102 0.16 3.00 -20.93
CA ASN B 102 0.48 2.27 -22.15
C ASN B 102 1.06 0.91 -21.78
N LYS B 103 0.61 -0.14 -22.45
CA LYS B 103 1.14 -1.48 -22.22
C LYS B 103 2.57 -1.55 -22.74
N ILE B 104 3.52 -1.89 -21.86
CA ILE B 104 4.93 -1.89 -22.20
C ILE B 104 5.49 -3.30 -22.38
N LEU B 105 5.20 -4.20 -21.45
CA LEU B 105 5.79 -5.52 -21.50
C LEU B 105 4.94 -6.47 -20.67
N GLN B 106 5.10 -7.76 -20.95
CA GLN B 106 4.57 -8.80 -20.09
C GLN B 106 5.69 -9.76 -19.71
N TYR B 107 5.58 -10.33 -18.52
CA TYR B 107 6.61 -11.20 -17.97
C TYR B 107 5.91 -12.47 -17.50
N LYS B 108 6.27 -13.59 -18.10
CA LYS B 108 5.62 -14.86 -17.79
C LYS B 108 6.01 -15.30 -16.38
N HIS B 109 5.02 -15.78 -15.64
CA HIS B 109 5.28 -16.27 -14.29
C HIS B 109 6.30 -17.40 -14.31
N ARG B 110 7.33 -17.29 -13.48
CA ARG B 110 8.28 -18.35 -13.23
C ARG B 110 8.01 -19.07 -11.92
N GLN B 111 7.70 -18.29 -10.88
CA GLN B 111 7.11 -18.80 -9.66
C GLN B 111 5.64 -19.06 -9.96
N LYS B 112 5.26 -20.35 -10.02
CA LYS B 112 3.91 -20.71 -10.39
C LYS B 112 2.94 -20.66 -9.22
N GLN B 113 3.45 -20.61 -7.99
CA GLN B 113 2.60 -20.57 -6.81
C GLN B 113 2.17 -19.13 -6.56
N LEU B 114 1.25 -18.65 -7.39
CA LEU B 114 0.91 -17.24 -7.39
C LEU B 114 0.37 -16.78 -6.04
N SER B 115 -0.42 -17.61 -5.38
CA SER B 115 -1.03 -17.20 -4.12
CA SER B 115 -1.03 -17.20 -4.12
C SER B 115 -0.01 -17.05 -2.99
N SER B 116 1.21 -17.50 -3.19
CA SER B 116 2.25 -17.28 -2.19
C SER B 116 2.89 -15.91 -2.31
N ILE B 117 2.52 -15.11 -3.30
CA ILE B 117 3.10 -13.80 -3.51
C ILE B 117 2.31 -12.83 -2.64
N THR B 118 2.85 -12.54 -1.46
CA THR B 118 2.16 -11.75 -0.46
C THR B 118 2.80 -10.40 -0.19
N LYS B 119 3.97 -10.12 -0.76
CA LYS B 119 4.77 -8.98 -0.33
C LYS B 119 5.24 -8.18 -1.53
N LEU B 120 5.15 -6.87 -1.41
CA LEU B 120 5.61 -5.93 -2.41
C LEU B 120 6.66 -5.04 -1.77
N GLN B 121 7.78 -4.86 -2.44
CA GLN B 121 8.79 -3.92 -1.97
C GLN B 121 9.20 -2.99 -3.10
N ILE B 122 9.41 -1.72 -2.74
CA ILE B 122 9.86 -0.70 -3.68
C ILE B 122 11.13 -0.12 -3.10
N LEU B 123 12.22 -0.18 -3.85
CA LEU B 123 13.54 0.18 -3.35
C LEU B 123 14.25 1.16 -4.25
N ASN B 124 15.13 1.96 -3.62
CA ASN B 124 16.14 2.77 -4.28
C ASN B 124 15.57 4.06 -4.86
N ASP B 125 15.98 4.47 -6.06
CA ASP B 125 15.79 5.87 -6.47
C ASP B 125 14.42 6.11 -7.08
N ILE B 126 13.42 6.19 -6.21
CA ILE B 126 12.08 6.58 -6.58
C ILE B 126 11.49 7.40 -5.43
N GLU B 127 11.03 8.60 -5.76
CA GLU B 127 10.27 9.44 -4.83
CA GLU B 127 10.27 9.44 -4.83
C GLU B 127 8.79 9.13 -5.08
N ILE B 128 8.20 8.36 -4.18
CA ILE B 128 6.82 7.87 -4.35
C ILE B 128 5.84 8.99 -4.05
N SER B 129 4.86 9.18 -4.94
CA SER B 129 3.73 10.03 -4.64
C SER B 129 2.47 9.24 -4.31
N SER B 130 2.35 8.00 -4.80
CA SER B 130 1.22 7.18 -4.40
CA SER B 130 1.17 7.18 -4.50
C SER B 130 1.50 5.72 -4.75
N VAL B 131 0.91 4.84 -3.93
CA VAL B 131 0.87 3.41 -4.20
C VAL B 131 -0.56 2.94 -4.00
N GLU B 132 -1.11 2.28 -5.01
CA GLU B 132 -2.43 1.69 -4.96
C GLU B 132 -2.28 0.19 -5.20
N ILE B 133 -2.93 -0.60 -4.35
CA ILE B 133 -2.94 -2.05 -4.46
C ILE B 133 -4.40 -2.47 -4.50
N THR B 134 -4.85 -2.99 -5.64
CA THR B 134 -6.27 -3.16 -5.91
C THR B 134 -6.56 -4.53 -6.50
N LYS B 135 -7.59 -5.18 -5.97
CA LYS B 135 -8.04 -6.48 -6.45
C LYS B 135 -8.93 -6.25 -7.66
N ARG B 136 -8.39 -6.51 -8.84
CA ARG B 136 -9.14 -6.35 -10.07
C ARG B 136 -9.96 -7.57 -10.43
N GLY B 137 -9.49 -8.77 -10.10
CA GLY B 137 -10.06 -9.97 -10.66
C GLY B 137 -9.38 -10.36 -11.94
N LEU B 138 -9.97 -11.37 -12.57
CA LEU B 138 -9.50 -11.95 -13.83
C LEU B 138 -10.57 -11.76 -14.89
N TYR B 139 -10.15 -11.46 -16.11
CA TYR B 139 -11.10 -11.12 -17.19
C TYR B 139 -11.15 -12.16 -18.30
#